data_2DBN
#
_entry.id   2DBN
#
_cell.length_a   69.688
_cell.length_b   69.688
_cell.length_c   174.649
_cell.angle_alpha   90.00
_cell.angle_beta   90.00
_cell.angle_gamma   120.00
#
_symmetry.space_group_name_H-M   'P 31 2 1'
#
loop_
_entity.id
_entity.type
_entity.pdbx_description
1 polymer 'Hypothetical protein ybiU'
2 non-polymer 'SULFATE ION'
3 water water
#
_entity_poly.entity_id   1
_entity_poly.type   'polypeptide(L)'
_entity_poly.pdbx_seq_one_letter_code
;MKDHLIHNVHKEEHAHAHNKDYDIPTTENLYFQGSSGSSGMASTFTSDTLPADHKAAIRQMKHALRAQLGDVQQIFNQLS
DDIATRVAEINALKAQGDAVWPVLSYADIKAGHVTAEQREQIKRRGCAVIKGHFPREQALGWDQSMLDYLDRNRFDEVYK
GPGDNFFGTLSASRPEIYPIYWSQAQMQARQSEEMANAQSFLNRLWTFESDGKQWFNPDVSVIYPDRIRRRPPGTTSKGL
GAHTDSGALERWLLPAYQRVFANVFNGNLAQYDPWHAAHRTEVEEYTVDNTTKCSVFRTFQGWTALSDMLPGQGLLHVVP
IPEAMAYVLLRPLLDDVPEDELCGVAPGRVLPVSEQWHPLLIEALTSIPKLEAGDSVWWHCDVIHSVAPVENQQGWGNVM
YIPAAPMCEKNLAYAHKVKAALEKGASPGDFPREDYETNWEGRFTLADLNIHGKRALGMDV
;
_entity_poly.pdbx_strand_id   A
#
loop_
_chem_comp.id
_chem_comp.type
_chem_comp.name
_chem_comp.formula
SO4 non-polymer 'SULFATE ION' 'O4 S -2'
#
# COMPACT_ATOMS: atom_id res chain seq x y z
N MET A 41 15.34 -10.52 -24.46
CA MET A 41 15.02 -11.59 -23.47
C MET A 41 13.62 -11.34 -22.90
N ALA A 42 13.41 -10.13 -22.40
CA ALA A 42 12.11 -9.76 -21.82
C ALA A 42 11.08 -9.44 -22.89
N SER A 43 11.52 -8.84 -23.99
CA SER A 43 10.62 -8.46 -25.07
C SER A 43 9.87 -9.65 -25.68
N THR A 44 10.35 -10.85 -25.42
CA THR A 44 9.70 -12.05 -25.98
C THR A 44 8.41 -12.37 -25.26
N PHE A 45 8.19 -11.78 -24.08
CA PHE A 45 6.98 -12.06 -23.32
C PHE A 45 6.32 -10.85 -22.65
N THR A 46 7.03 -9.73 -22.55
CA THR A 46 6.46 -8.55 -21.91
C THR A 46 5.42 -7.86 -22.78
N SER A 47 4.54 -7.10 -22.12
CA SER A 47 3.49 -6.35 -22.79
C SER A 47 3.08 -5.18 -21.92
N ASP A 48 3.01 -3.99 -22.52
CA ASP A 48 2.63 -2.79 -21.80
C ASP A 48 1.20 -2.84 -21.31
N THR A 49 0.40 -3.71 -21.91
CA THR A 49 -1.00 -3.85 -21.53
C THR A 49 -1.35 -5.33 -21.41
N LEU A 50 -2.53 -5.60 -20.88
CA LEU A 50 -2.99 -6.98 -20.71
C LEU A 50 -2.86 -7.79 -22.00
N PRO A 51 -2.11 -8.90 -21.96
CA PRO A 51 -1.94 -9.73 -23.16
C PRO A 51 -3.24 -10.45 -23.52
N ALA A 52 -3.49 -10.59 -24.81
CA ALA A 52 -4.70 -11.26 -25.28
C ALA A 52 -4.75 -12.70 -24.78
N ASP A 53 -3.59 -13.33 -24.70
CA ASP A 53 -3.47 -14.71 -24.22
C ASP A 53 -2.45 -14.68 -23.09
N HIS A 54 -2.90 -14.41 -21.86
CA HIS A 54 -1.98 -14.34 -20.74
C HIS A 54 -1.30 -15.66 -20.40
N LYS A 55 -1.97 -16.78 -20.63
CA LYS A 55 -1.37 -18.08 -20.33
C LYS A 55 -0.17 -18.33 -21.23
N ALA A 56 -0.28 -17.97 -22.51
CA ALA A 56 0.82 -18.16 -23.44
C ALA A 56 1.99 -17.25 -23.06
N ALA A 57 1.68 -16.03 -22.64
CA ALA A 57 2.71 -15.08 -22.24
C ALA A 57 3.42 -15.61 -21.01
N ILE A 58 2.65 -16.21 -20.10
CA ILE A 58 3.22 -16.77 -18.88
C ILE A 58 4.17 -17.92 -19.22
N ARG A 59 3.74 -18.79 -20.12
CA ARG A 59 4.59 -19.92 -20.51
C ARG A 59 5.92 -19.46 -21.10
N GLN A 60 5.88 -18.45 -21.98
CA GLN A 60 7.11 -17.96 -22.59
C GLN A 60 7.95 -17.24 -21.53
N MET A 61 7.29 -16.52 -20.62
CA MET A 61 8.00 -15.82 -19.55
C MET A 61 8.80 -16.81 -18.72
N LYS A 62 8.17 -17.93 -18.37
CA LYS A 62 8.85 -18.94 -17.57
C LYS A 62 10.03 -19.53 -18.30
N HIS A 63 9.86 -19.84 -19.58
CA HIS A 63 10.97 -20.41 -20.33
C HIS A 63 12.14 -19.44 -20.40
N ALA A 64 11.85 -18.18 -20.74
CA ALA A 64 12.88 -17.16 -20.85
C ALA A 64 13.61 -16.88 -19.54
N LEU A 65 12.86 -16.68 -18.47
CA LEU A 65 13.47 -16.38 -17.18
C LEU A 65 14.19 -17.57 -16.54
N ARG A 66 13.65 -18.78 -16.72
CA ARG A 66 14.32 -19.94 -16.16
C ARG A 66 15.67 -20.10 -16.83
N ALA A 67 15.73 -19.75 -18.11
CA ALA A 67 16.98 -19.84 -18.86
C ALA A 67 17.97 -18.81 -18.33
N GLN A 68 17.49 -17.59 -18.10
CA GLN A 68 18.35 -16.53 -17.59
C GLN A 68 18.88 -16.85 -16.20
N LEU A 69 18.01 -17.42 -15.36
CA LEU A 69 18.39 -17.79 -14.00
C LEU A 69 19.35 -18.98 -13.96
N GLY A 70 19.17 -19.92 -14.89
CA GLY A 70 20.03 -21.08 -14.95
C GLY A 70 19.66 -22.16 -13.95
N ASP A 71 19.79 -21.85 -12.66
CA ASP A 71 19.48 -22.79 -11.60
C ASP A 71 18.59 -22.08 -10.58
N VAL A 72 17.36 -21.78 -10.99
CA VAL A 72 16.45 -21.07 -10.10
C VAL A 72 16.27 -21.73 -8.73
N GLN A 73 16.29 -23.06 -8.67
CA GLN A 73 16.10 -23.73 -7.38
C GLN A 73 17.20 -23.35 -6.38
N GLN A 74 18.45 -23.33 -6.83
CA GLN A 74 19.57 -22.97 -5.96
C GLN A 74 19.45 -21.51 -5.52
N ILE A 75 19.10 -20.64 -6.47
CA ILE A 75 18.93 -19.22 -6.19
C ILE A 75 17.80 -19.03 -5.18
N PHE A 76 16.72 -19.77 -5.37
CA PHE A 76 15.56 -19.70 -4.47
C PHE A 76 15.92 -20.17 -3.07
N ASN A 77 16.70 -21.24 -2.98
CA ASN A 77 17.12 -21.78 -1.70
C ASN A 77 17.92 -20.76 -0.92
N GLN A 78 18.85 -20.08 -1.60
CA GLN A 78 19.69 -19.08 -0.96
C GLN A 78 18.84 -17.89 -0.51
N LEU A 79 17.91 -17.48 -1.36
CA LEU A 79 17.01 -16.37 -1.05
C LEU A 79 16.16 -16.75 0.16
N SER A 80 15.70 -18.00 0.19
CA SER A 80 14.89 -18.48 1.30
C SER A 80 15.68 -18.41 2.59
N ASP A 81 16.96 -18.79 2.55
CA ASP A 81 17.80 -18.74 3.73
C ASP A 81 17.96 -17.30 4.21
N ASP A 82 18.12 -16.35 3.27
CA ASP A 82 18.27 -14.96 3.65
C ASP A 82 16.98 -14.41 4.27
N ILE A 83 15.84 -14.76 3.67
CA ILE A 83 14.58 -14.30 4.22
C ILE A 83 14.35 -14.96 5.58
N ALA A 84 14.80 -16.21 5.71
CA ALA A 84 14.64 -16.93 6.96
C ALA A 84 15.35 -16.21 8.12
N THR A 85 16.46 -15.53 7.84
CA THR A 85 17.16 -14.83 8.91
C THR A 85 16.26 -13.72 9.46
N ARG A 86 15.47 -13.12 8.58
CA ARG A 86 14.56 -12.06 8.98
C ARG A 86 13.39 -12.66 9.76
N VAL A 87 12.89 -13.80 9.31
CA VAL A 87 11.77 -14.45 10.01
C VAL A 87 12.25 -14.80 11.42
N ALA A 88 13.50 -15.22 11.53
CA ALA A 88 14.07 -15.57 12.83
C ALA A 88 14.10 -14.33 13.73
N GLU A 89 14.51 -13.19 13.18
CA GLU A 89 14.55 -11.95 13.94
C GLU A 89 13.16 -11.59 14.44
N ILE A 90 12.18 -11.73 13.56
CA ILE A 90 10.80 -11.44 13.89
C ILE A 90 10.27 -12.35 15.00
N ASN A 91 10.56 -13.64 14.91
CA ASN A 91 10.12 -14.57 15.94
C ASN A 91 10.81 -14.33 17.27
N ALA A 92 12.04 -13.84 17.21
CA ALA A 92 12.79 -13.54 18.42
C ALA A 92 12.15 -12.33 19.10
N LEU A 93 11.77 -11.34 18.28
CA LEU A 93 11.14 -10.14 18.81
C LEU A 93 9.80 -10.48 19.45
N LYS A 94 9.01 -11.31 18.77
CA LYS A 94 7.70 -11.71 19.29
C LYS A 94 7.85 -12.47 20.61
N ALA A 95 8.88 -13.31 20.69
CA ALA A 95 9.15 -14.09 21.90
C ALA A 95 9.48 -13.19 23.08
N GLN A 96 10.15 -12.07 22.80
CA GLN A 96 10.54 -11.13 23.84
C GLN A 96 9.41 -10.13 24.13
N GLY A 97 8.34 -10.23 23.37
CA GLY A 97 7.22 -9.32 23.55
C GLY A 97 7.57 -7.95 22.99
N ASP A 98 8.74 -7.86 22.36
CA ASP A 98 9.20 -6.61 21.79
C ASP A 98 8.48 -6.30 20.49
N ALA A 99 8.37 -5.00 20.19
CA ALA A 99 7.70 -4.57 18.97
C ALA A 99 8.45 -5.01 17.73
N VAL A 100 7.67 -5.43 16.72
CA VAL A 100 8.22 -5.86 15.44
C VAL A 100 8.08 -4.67 14.49
N TRP A 101 6.87 -4.13 14.41
CA TRP A 101 6.64 -2.96 13.57
C TRP A 101 7.46 -1.82 14.15
N PRO A 102 8.25 -1.11 13.31
CA PRO A 102 9.01 -0.01 13.88
C PRO A 102 8.02 1.04 14.40
N VAL A 103 8.28 1.59 15.57
CA VAL A 103 7.39 2.60 16.15
C VAL A 103 8.11 3.93 16.31
N LEU A 104 7.61 4.96 15.64
CA LEU A 104 8.20 6.29 15.73
C LEU A 104 7.16 7.27 16.24
N SER A 105 7.61 8.31 16.94
CA SER A 105 6.68 9.31 17.42
C SER A 105 6.57 10.40 16.37
N TYR A 106 5.37 10.92 16.15
CA TYR A 106 5.22 11.97 15.17
C TYR A 106 6.04 13.16 15.66
N ALA A 107 6.10 13.34 16.98
CA ALA A 107 6.85 14.44 17.56
C ALA A 107 8.26 14.48 16.98
N ASP A 108 8.89 13.31 16.84
CA ASP A 108 10.23 13.25 16.28
C ASP A 108 10.24 13.58 14.79
N ILE A 109 9.21 13.13 14.06
CA ILE A 109 9.13 13.43 12.64
C ILE A 109 9.00 14.94 12.45
N LYS A 110 8.10 15.54 13.23
CA LYS A 110 7.87 16.99 13.17
C LYS A 110 9.13 17.78 13.49
N ALA A 111 9.85 17.34 14.52
CA ALA A 111 11.06 18.02 14.96
C ALA A 111 12.28 17.68 14.10
N GLY A 112 12.15 16.67 13.26
CA GLY A 112 13.26 16.26 12.42
C GLY A 112 14.30 15.55 13.26
N HIS A 113 13.83 14.82 14.28
CA HIS A 113 14.74 14.11 15.18
C HIS A 113 14.70 12.60 15.07
N VAL A 114 14.22 12.06 13.95
CA VAL A 114 14.21 10.61 13.79
C VAL A 114 15.66 10.18 13.59
N THR A 115 16.12 9.20 14.36
CA THR A 115 17.50 8.75 14.25
C THR A 115 17.78 7.87 13.04
N ALA A 116 19.05 7.80 12.66
CA ALA A 116 19.45 6.97 11.53
C ALA A 116 19.05 5.53 11.80
N GLU A 117 19.18 5.12 13.06
CA GLU A 117 18.82 3.74 13.45
C GLU A 117 17.34 3.51 13.18
N GLN A 118 16.51 4.50 13.52
CA GLN A 118 15.08 4.37 13.32
C GLN A 118 14.74 4.29 11.82
N ARG A 119 15.44 5.07 11.01
CA ARG A 119 15.19 5.04 9.57
C ARG A 119 15.60 3.67 9.04
N GLU A 120 16.72 3.15 9.55
CA GLU A 120 17.23 1.84 9.17
C GLU A 120 16.21 0.75 9.46
N GLN A 121 15.59 0.82 10.64
CA GLN A 121 14.59 -0.15 11.05
C GLN A 121 13.43 -0.20 10.06
N ILE A 122 12.96 0.96 9.62
CA ILE A 122 11.85 0.99 8.68
C ILE A 122 12.27 0.37 7.35
N LYS A 123 13.49 0.62 6.91
CA LYS A 123 13.94 0.05 5.65
C LYS A 123 14.09 -1.47 5.79
N ARG A 124 14.42 -1.93 6.99
CA ARG A 124 14.58 -3.37 7.20
C ARG A 124 13.22 -4.07 7.28
N ARG A 125 12.26 -3.46 7.95
CA ARG A 125 10.93 -4.06 8.12
C ARG A 125 9.88 -3.69 7.08
N GLY A 126 10.12 -2.62 6.32
CA GLY A 126 9.17 -2.21 5.30
C GLY A 126 7.84 -1.68 5.81
N CYS A 127 7.80 -1.24 7.06
CA CYS A 127 6.57 -0.72 7.62
C CYS A 127 6.87 0.17 8.83
N ALA A 128 5.86 0.87 9.30
CA ALA A 128 6.04 1.75 10.44
C ALA A 128 4.75 2.21 11.07
N VAL A 129 4.80 2.47 12.37
CA VAL A 129 3.67 2.97 13.11
C VAL A 129 4.09 4.38 13.54
N ILE A 130 3.30 5.38 13.19
CA ILE A 130 3.61 6.75 13.61
C ILE A 130 2.66 7.07 14.75
N LYS A 131 3.21 7.14 15.95
CA LYS A 131 2.43 7.40 17.16
C LYS A 131 2.04 8.86 17.29
N GLY A 132 0.75 9.09 17.54
CA GLY A 132 0.25 10.45 17.70
C GLY A 132 0.44 11.33 16.49
N HIS A 133 0.25 10.76 15.30
CA HIS A 133 0.38 11.53 14.07
C HIS A 133 -0.55 12.73 14.21
N PHE A 134 -1.72 12.48 14.77
CA PHE A 134 -2.71 13.53 15.05
C PHE A 134 -3.16 13.31 16.49
N PRO A 135 -3.52 14.39 17.20
CA PRO A 135 -3.96 14.22 18.59
C PRO A 135 -5.17 13.28 18.59
N ARG A 136 -5.29 12.47 19.64
CA ARG A 136 -6.40 11.53 19.72
C ARG A 136 -7.74 12.23 19.57
N GLU A 137 -7.92 13.36 20.25
CA GLU A 137 -9.18 14.09 20.14
C GLU A 137 -9.43 14.64 18.75
N GLN A 138 -8.36 14.93 18.00
CA GLN A 138 -8.55 15.43 16.64
C GLN A 138 -9.07 14.29 15.76
N ALA A 139 -8.49 13.10 15.93
CA ALA A 139 -8.90 11.95 15.14
C ALA A 139 -10.33 11.55 15.46
N LEU A 140 -10.68 11.51 16.74
CA LEU A 140 -12.05 11.16 17.13
C LEU A 140 -12.99 12.22 16.59
N GLY A 141 -12.55 13.47 16.66
CA GLY A 141 -13.34 14.58 16.17
C GLY A 141 -13.63 14.47 14.68
N TRP A 142 -12.65 14.01 13.92
CA TRP A 142 -12.83 13.83 12.49
C TRP A 142 -13.87 12.76 12.20
N ASP A 143 -13.84 11.69 12.98
CA ASP A 143 -14.79 10.60 12.81
C ASP A 143 -16.21 11.12 13.05
N GLN A 144 -16.40 11.89 14.11
CA GLN A 144 -17.71 12.44 14.43
C GLN A 144 -18.13 13.47 13.39
N SER A 145 -17.16 14.24 12.89
CA SER A 145 -17.43 15.26 11.88
C SER A 145 -17.99 14.61 10.61
N MET A 146 -17.39 13.49 10.20
CA MET A 146 -17.87 12.80 9.00
C MET A 146 -19.29 12.27 9.22
N LEU A 147 -19.55 11.75 10.41
CA LEU A 147 -20.88 11.24 10.72
C LEU A 147 -21.92 12.36 10.63
N ASP A 148 -21.59 13.54 11.15
CA ASP A 148 -22.50 14.67 11.11
C ASP A 148 -22.74 15.13 9.68
N TYR A 149 -21.71 15.01 8.85
CA TYR A 149 -21.77 15.39 7.45
C TYR A 149 -22.74 14.44 6.75
N LEU A 150 -22.67 13.16 7.09
CA LEU A 150 -23.56 12.16 6.51
C LEU A 150 -25.01 12.42 6.92
N ASP A 151 -25.23 12.73 8.19
CA ASP A 151 -26.57 13.01 8.69
C ASP A 151 -27.16 14.27 8.05
N ARG A 152 -26.33 15.30 7.96
CA ARG A 152 -26.76 16.55 7.37
C ARG A 152 -27.31 16.34 5.96
N ASN A 153 -26.72 15.39 5.24
CA ASN A 153 -27.14 15.11 3.89
C ASN A 153 -28.00 13.87 3.74
N ARG A 154 -28.64 13.48 4.85
CA ARG A 154 -29.54 12.33 4.89
C ARG A 154 -29.03 11.11 4.15
N PHE A 155 -27.79 10.71 4.43
CA PHE A 155 -27.18 9.55 3.78
C PHE A 155 -28.04 8.30 3.85
N ASP A 156 -28.61 8.02 5.02
CA ASP A 156 -29.44 6.83 5.21
C ASP A 156 -30.66 6.81 4.28
N GLU A 157 -31.12 7.99 3.88
CA GLU A 157 -32.28 8.10 3.00
C GLU A 157 -31.92 8.04 1.52
N VAL A 158 -30.70 8.43 1.19
CA VAL A 158 -30.27 8.42 -0.21
C VAL A 158 -29.41 7.22 -0.61
N TYR A 159 -28.74 6.60 0.37
CA TYR A 159 -27.89 5.46 0.07
C TYR A 159 -28.70 4.28 -0.46
N ARG A 174 -19.84 -7.27 10.82
CA ARG A 174 -20.50 -6.56 9.69
C ARG A 174 -19.82 -5.24 9.36
N PRO A 175 -18.63 -5.30 8.73
CA PRO A 175 -17.90 -4.08 8.36
C PRO A 175 -18.59 -3.34 7.22
N GLU A 176 -18.22 -2.08 7.03
CA GLU A 176 -18.84 -1.28 5.97
C GLU A 176 -17.94 -0.13 5.51
N ILE A 177 -17.80 -0.01 4.20
CA ILE A 177 -16.99 1.03 3.58
C ILE A 177 -17.92 2.11 3.06
N TYR A 178 -17.69 3.34 3.46
CA TYR A 178 -18.52 4.46 3.04
C TYR A 178 -18.05 5.06 1.71
N PRO A 179 -18.98 5.21 0.75
CA PRO A 179 -18.65 5.77 -0.56
C PRO A 179 -18.63 7.29 -0.49
N ILE A 180 -17.90 7.81 0.49
CA ILE A 180 -17.77 9.24 0.73
C ILE A 180 -16.30 9.60 0.61
N TYR A 181 -16.01 10.69 -0.10
CA TYR A 181 -14.62 11.09 -0.34
C TYR A 181 -14.26 12.53 -0.03
N TRP A 182 -15.26 13.41 0.01
CA TRP A 182 -14.98 14.82 0.19
C TRP A 182 -15.41 15.52 1.47
N SER A 183 -15.50 14.80 2.58
CA SER A 183 -15.88 15.45 3.83
C SER A 183 -14.73 16.39 4.19
N GLN A 184 -15.03 17.43 4.96
CA GLN A 184 -13.98 18.35 5.35
C GLN A 184 -12.94 17.63 6.20
N ALA A 185 -13.37 16.66 7.00
CA ALA A 185 -12.44 15.91 7.83
C ALA A 185 -11.43 15.14 6.96
N GLN A 186 -11.93 14.45 5.95
CA GLN A 186 -11.06 13.69 5.06
C GLN A 186 -10.04 14.53 4.32
N MET A 187 -10.52 15.61 3.70
CA MET A 187 -9.61 16.46 2.93
C MET A 187 -8.67 17.27 3.81
N GLN A 188 -9.14 17.77 4.94
CA GLN A 188 -8.23 18.53 5.80
C GLN A 188 -7.10 17.62 6.29
N ALA A 189 -7.44 16.37 6.59
CA ALA A 189 -6.42 15.42 7.04
C ALA A 189 -5.40 15.21 5.91
N ARG A 190 -5.90 15.06 4.69
CA ARG A 190 -5.02 14.84 3.54
C ARG A 190 -4.08 15.99 3.24
N GLN A 191 -4.55 17.24 3.40
CA GLN A 191 -3.71 18.40 3.12
C GLN A 191 -3.08 19.02 4.36
N SER A 192 -3.15 18.31 5.49
CA SER A 192 -2.58 18.81 6.73
C SER A 192 -1.06 18.85 6.72
N GLU A 193 -0.49 19.70 7.56
CA GLU A 193 0.96 19.79 7.64
C GLU A 193 1.50 18.48 8.18
N GLU A 194 0.76 17.86 9.09
CA GLU A 194 1.19 16.61 9.70
C GLU A 194 1.29 15.49 8.65
N MET A 195 0.31 15.39 7.77
CA MET A 195 0.36 14.34 6.75
C MET A 195 1.50 14.63 5.77
N ALA A 196 1.66 15.90 5.41
CA ALA A 196 2.72 16.28 4.48
C ALA A 196 4.09 15.90 5.06
N ASN A 197 4.29 16.17 6.35
CA ASN A 197 5.57 15.85 6.98
C ASN A 197 5.82 14.35 6.97
N ALA A 198 4.79 13.57 7.29
CA ALA A 198 4.95 12.12 7.31
C ALA A 198 5.24 11.57 5.93
N GLN A 199 4.53 12.06 4.92
CA GLN A 199 4.73 11.58 3.55
C GLN A 199 6.14 11.90 3.04
N SER A 200 6.64 13.09 3.39
CA SER A 200 7.98 13.49 2.98
C SER A 200 9.01 12.57 3.62
N PHE A 201 8.85 12.36 4.92
CA PHE A 201 9.75 11.49 5.66
C PHE A 201 9.80 10.08 5.06
N LEU A 202 8.62 9.50 4.84
CA LEU A 202 8.53 8.16 4.29
C LEU A 202 9.08 8.06 2.87
N ASN A 203 8.75 9.01 2.01
CA ASN A 203 9.23 8.99 0.64
C ASN A 203 10.75 9.12 0.58
N ARG A 204 11.34 9.82 1.54
CA ARG A 204 12.78 10.01 1.54
C ARG A 204 13.57 8.79 1.99
N LEU A 205 12.88 7.72 2.38
CA LEU A 205 13.55 6.49 2.78
C LEU A 205 13.94 5.76 1.49
N TRP A 206 13.32 6.18 0.38
CA TRP A 206 13.59 5.58 -0.92
C TRP A 206 14.75 6.27 -1.60
N THR A 207 15.41 5.54 -2.51
CA THR A 207 16.48 6.13 -3.30
C THR A 207 15.71 6.56 -4.54
N PHE A 208 15.31 7.82 -4.57
CA PHE A 208 14.53 8.37 -5.68
C PHE A 208 15.37 9.06 -6.73
N GLU A 209 16.66 9.25 -6.43
CA GLU A 209 17.58 9.86 -7.36
C GLU A 209 18.66 8.84 -7.68
N SER A 210 18.79 8.49 -8.96
CA SER A 210 19.80 7.52 -9.38
C SER A 210 20.20 7.79 -10.82
N ASP A 211 21.51 7.71 -11.08
CA ASP A 211 22.05 7.95 -12.41
C ASP A 211 21.61 9.29 -12.99
N GLY A 212 21.84 10.35 -12.22
CA GLY A 212 21.49 11.68 -12.68
C GLY A 212 20.03 11.88 -13.06
N LYS A 213 19.14 11.13 -12.43
CA LYS A 213 17.71 11.27 -12.72
C LYS A 213 16.86 11.15 -11.46
N GLN A 214 15.93 12.07 -11.28
CA GLN A 214 15.05 12.04 -10.13
C GLN A 214 13.72 11.43 -10.56
N TRP A 215 13.42 10.25 -10.05
CA TRP A 215 12.20 9.55 -10.42
C TRP A 215 10.91 10.12 -9.88
N PHE A 216 10.97 10.74 -8.69
CA PHE A 216 9.78 11.37 -8.13
C PHE A 216 10.17 12.45 -7.13
N ASN A 217 9.23 13.32 -6.82
CA ASN A 217 9.46 14.39 -5.85
C ASN A 217 8.96 13.85 -4.51
N PRO A 218 9.87 13.53 -3.59
CA PRO A 218 9.43 12.99 -2.30
C PRO A 218 8.70 13.98 -1.41
N ASP A 219 8.89 15.27 -1.66
CA ASP A 219 8.27 16.28 -0.82
C ASP A 219 6.85 16.71 -1.16
N VAL A 220 6.30 16.18 -2.24
CA VAL A 220 4.92 16.47 -2.62
C VAL A 220 4.25 15.16 -3.01
N SER A 221 3.15 14.83 -2.35
CA SER A 221 2.41 13.61 -2.67
C SER A 221 1.05 14.00 -3.19
N VAL A 222 0.57 13.30 -4.19
CA VAL A 222 -0.73 13.60 -4.77
C VAL A 222 -1.88 13.22 -3.85
N ILE A 223 -2.99 13.96 -3.98
CA ILE A 223 -4.17 13.67 -3.20
C ILE A 223 -4.77 12.41 -3.77
N TYR A 224 -4.86 11.35 -2.98
CA TYR A 224 -5.46 10.13 -3.47
C TYR A 224 -6.69 9.87 -2.61
N PRO A 225 -7.84 10.44 -3.01
CA PRO A 225 -9.10 10.29 -2.30
C PRO A 225 -9.48 8.82 -2.15
N ASP A 226 -9.77 8.43 -0.92
CA ASP A 226 -10.15 7.05 -0.65
C ASP A 226 -11.37 7.06 0.25
N ARG A 227 -11.89 5.88 0.54
CA ARG A 227 -13.06 5.76 1.39
C ARG A 227 -12.65 5.59 2.83
N ILE A 228 -13.62 5.71 3.72
CA ILE A 228 -13.39 5.56 5.14
C ILE A 228 -14.08 4.25 5.51
N ARG A 229 -13.44 3.48 6.39
CA ARG A 229 -14.01 2.22 6.82
C ARG A 229 -14.37 2.33 8.30
N ARG A 230 -15.56 1.86 8.68
CA ARG A 230 -15.96 1.92 10.07
C ARG A 230 -16.50 0.56 10.49
N ARG A 231 -15.94 0.02 11.57
CA ARG A 231 -16.35 -1.28 12.09
C ARG A 231 -16.72 -1.10 13.56
N PRO A 232 -18.03 -1.14 13.86
CA PRO A 232 -18.47 -0.99 15.24
C PRO A 232 -18.30 -2.26 16.06
N PRO A 233 -18.32 -2.13 17.39
CA PRO A 233 -18.18 -3.30 18.27
C PRO A 233 -19.24 -4.31 17.85
N GLY A 234 -18.89 -5.58 17.90
CA GLY A 234 -19.83 -6.62 17.51
C GLY A 234 -19.61 -7.08 16.08
N THR A 235 -18.82 -6.33 15.32
CA THR A 235 -18.55 -6.69 13.94
C THR A 235 -17.95 -8.09 13.82
N THR A 236 -18.38 -8.82 12.80
CA THR A 236 -17.86 -10.15 12.54
C THR A 236 -17.43 -10.15 11.07
N SER A 237 -16.17 -10.47 10.83
CA SER A 237 -15.64 -10.47 9.47
C SER A 237 -14.68 -11.62 9.23
N LYS A 238 -14.71 -12.19 8.03
CA LYS A 238 -13.82 -13.29 7.68
C LYS A 238 -12.41 -12.77 7.44
N GLY A 239 -12.26 -11.45 7.37
CA GLY A 239 -10.96 -10.86 7.15
C GLY A 239 -10.55 -10.92 5.69
N LEU A 240 -9.31 -10.54 5.41
CA LEU A 240 -8.79 -10.55 4.04
C LEU A 240 -7.51 -11.37 3.96
N GLY A 241 -7.43 -12.24 2.96
CA GLY A 241 -6.25 -13.07 2.82
C GLY A 241 -5.01 -12.25 2.49
N ALA A 242 -3.84 -12.81 2.79
CA ALA A 242 -2.57 -12.13 2.53
C ALA A 242 -2.44 -11.87 1.03
N HIS A 243 -1.95 -10.68 0.69
CA HIS A 243 -1.79 -10.31 -0.70
C HIS A 243 -0.96 -9.04 -0.79
N THR A 244 -0.66 -8.64 -2.02
CA THR A 244 0.06 -7.41 -2.28
C THR A 244 -0.75 -6.68 -3.33
N ASP A 245 -0.54 -5.37 -3.44
CA ASP A 245 -1.24 -4.58 -4.44
C ASP A 245 -0.23 -4.05 -5.43
N SER A 246 -0.60 -2.97 -6.13
CA SER A 246 0.28 -2.36 -7.13
C SER A 246 0.60 -3.33 -8.26
N GLY A 247 -0.40 -4.13 -8.63
CA GLY A 247 -0.21 -5.08 -9.72
C GLY A 247 0.02 -6.52 -9.30
N ALA A 248 -0.44 -7.44 -10.15
CA ALA A 248 -0.26 -8.86 -9.90
C ALA A 248 0.50 -9.43 -11.09
N LEU A 249 -0.23 -9.84 -12.13
CA LEU A 249 0.39 -10.38 -13.32
C LEU A 249 1.39 -9.38 -13.89
N GLU A 250 1.11 -8.10 -13.69
CA GLU A 250 1.98 -7.02 -14.18
C GLU A 250 3.41 -7.15 -13.66
N ARG A 251 3.56 -7.68 -12.45
CA ARG A 251 4.89 -7.81 -11.87
C ARG A 251 5.83 -8.71 -12.65
N TRP A 252 5.27 -9.55 -13.51
CA TRP A 252 6.08 -10.45 -14.33
C TRP A 252 6.08 -10.03 -15.80
N LEU A 253 4.95 -9.54 -16.28
CA LEU A 253 4.83 -9.19 -17.70
C LEU A 253 5.01 -7.73 -18.13
N LEU A 254 4.96 -6.80 -17.19
CA LEU A 254 5.12 -5.39 -17.54
C LEU A 254 6.61 -5.07 -17.75
N PRO A 255 6.94 -4.42 -18.89
CA PRO A 255 8.35 -4.09 -19.13
C PRO A 255 8.94 -3.30 -17.95
N ALA A 256 8.15 -2.40 -17.38
CA ALA A 256 8.60 -1.59 -16.26
C ALA A 256 9.00 -2.45 -15.06
N TYR A 257 8.17 -3.44 -14.73
CA TYR A 257 8.50 -4.29 -13.60
C TYR A 257 9.67 -5.22 -13.87
N GLN A 258 9.89 -5.58 -15.13
CA GLN A 258 11.03 -6.43 -15.46
C GLN A 258 12.29 -5.63 -15.16
N ARG A 259 12.21 -4.31 -15.33
CA ARG A 259 13.36 -3.46 -15.05
C ARG A 259 13.52 -3.30 -13.54
N VAL A 260 12.40 -3.05 -12.85
CA VAL A 260 12.40 -2.89 -11.40
C VAL A 260 12.98 -4.14 -10.72
N PHE A 261 12.55 -5.31 -11.20
CA PHE A 261 12.99 -6.56 -10.61
C PHE A 261 14.07 -7.27 -11.42
N ALA A 262 14.82 -6.50 -12.21
CA ALA A 262 15.88 -7.06 -13.03
C ALA A 262 16.84 -7.94 -12.24
N ASN A 263 17.28 -7.47 -11.07
CA ASN A 263 18.22 -8.24 -10.26
C ASN A 263 17.61 -9.43 -9.54
N VAL A 264 16.28 -9.55 -9.62
CA VAL A 264 15.62 -10.70 -9.02
C VAL A 264 15.59 -11.77 -10.11
N PHE A 265 15.12 -11.38 -11.29
CA PHE A 265 15.01 -12.30 -12.41
C PHE A 265 16.31 -12.72 -13.07
N ASN A 266 17.42 -12.07 -12.73
CA ASN A 266 18.69 -12.48 -13.30
C ASN A 266 19.52 -13.22 -12.27
N GLY A 267 18.96 -13.40 -11.07
CA GLY A 267 19.66 -14.12 -10.03
C GLY A 267 20.61 -13.34 -9.15
N ASN A 268 20.81 -12.06 -9.47
CA ASN A 268 21.71 -11.20 -8.69
C ASN A 268 20.94 -10.58 -7.53
N LEU A 269 20.34 -11.42 -6.69
CA LEU A 269 19.54 -10.97 -5.56
C LEU A 269 20.23 -10.01 -4.60
N ALA A 270 21.54 -10.18 -4.41
CA ALA A 270 22.29 -9.31 -3.52
C ALA A 270 22.23 -7.87 -3.99
N GLN A 271 21.91 -7.66 -5.26
CA GLN A 271 21.84 -6.32 -5.83
C GLN A 271 20.42 -5.78 -5.93
N TYR A 272 19.44 -6.56 -5.51
CA TYR A 272 18.07 -6.10 -5.56
C TYR A 272 17.77 -5.28 -4.31
N ASP A 273 17.31 -4.05 -4.51
CA ASP A 273 16.98 -3.15 -3.41
C ASP A 273 15.52 -2.72 -3.53
N PRO A 274 14.68 -3.17 -2.58
CA PRO A 274 13.26 -2.81 -2.63
C PRO A 274 13.01 -1.31 -2.52
N TRP A 275 14.03 -0.58 -2.06
CA TRP A 275 13.87 0.87 -1.91
C TRP A 275 14.38 1.69 -3.09
N HIS A 276 14.71 1.01 -4.19
CA HIS A 276 15.19 1.69 -5.39
C HIS A 276 13.95 2.07 -6.21
N ALA A 277 13.75 3.38 -6.40
CA ALA A 277 12.58 3.87 -7.11
C ALA A 277 12.56 3.70 -8.63
N ALA A 278 13.72 3.70 -9.25
CA ALA A 278 13.82 3.61 -10.71
C ALA A 278 12.79 2.70 -11.40
N HIS A 279 12.08 3.30 -12.35
CA HIS A 279 11.07 2.60 -13.17
C HIS A 279 9.74 2.25 -12.51
N ARG A 280 9.63 2.34 -11.19
CA ARG A 280 8.35 2.02 -10.55
C ARG A 280 7.31 3.05 -10.96
N THR A 281 7.76 4.26 -11.26
CA THR A 281 6.87 5.35 -11.67
C THR A 281 6.33 5.14 -13.09
N GLU A 282 6.88 4.16 -13.80
CA GLU A 282 6.46 3.87 -15.17
C GLU A 282 5.46 2.72 -15.23
N VAL A 283 5.17 2.12 -14.09
CA VAL A 283 4.23 1.02 -14.01
C VAL A 283 2.80 1.50 -14.20
N GLU A 284 2.05 0.79 -15.05
CA GLU A 284 0.65 1.12 -15.30
C GLU A 284 -0.13 -0.17 -15.11
N GLU A 285 -0.94 -0.24 -14.06
CA GLU A 285 -1.74 -1.43 -13.80
C GLU A 285 -2.68 -1.71 -14.96
N TYR A 286 -2.90 -2.99 -15.25
CA TYR A 286 -3.77 -3.39 -16.35
C TYR A 286 -5.22 -3.03 -16.12
N THR A 287 -5.94 -2.79 -17.22
CA THR A 287 -7.36 -2.47 -17.16
C THR A 287 -8.12 -3.76 -17.50
N VAL A 288 -8.70 -4.40 -16.48
CA VAL A 288 -9.44 -5.63 -16.68
C VAL A 288 -10.91 -5.45 -16.33
N ASP A 289 -11.79 -5.69 -17.30
CA ASP A 289 -13.23 -5.54 -17.12
C ASP A 289 -13.63 -4.32 -16.29
N LYS A 293 -8.08 -1.69 -9.03
CA LYS A 293 -7.39 -0.84 -10.04
C LYS A 293 -6.92 0.48 -9.45
N CYS A 294 -5.60 0.66 -9.37
CA CYS A 294 -5.03 1.88 -8.83
C CYS A 294 -4.29 2.63 -9.93
N SER A 295 -4.60 3.92 -10.08
CA SER A 295 -3.98 4.75 -11.10
C SER A 295 -2.77 5.53 -10.63
N VAL A 296 -2.38 5.34 -9.38
CA VAL A 296 -1.22 6.08 -8.87
C VAL A 296 -0.12 5.18 -8.36
N PHE A 297 1.09 5.71 -8.37
CA PHE A 297 2.24 5.00 -7.85
C PHE A 297 2.33 5.36 -6.38
N ARG A 298 2.24 4.35 -5.51
CA ARG A 298 2.34 4.57 -4.07
C ARG A 298 3.63 3.97 -3.58
N THR A 299 4.39 4.74 -2.79
CA THR A 299 5.62 4.24 -2.20
C THR A 299 5.20 3.45 -0.98
N PHE A 300 4.21 3.98 -0.27
CA PHE A 300 3.68 3.35 0.94
C PHE A 300 2.16 3.38 0.93
N GLN A 301 1.55 2.30 1.40
CA GLN A 301 0.10 2.29 1.55
C GLN A 301 -0.01 2.69 3.02
N GLY A 302 -1.16 3.20 3.42
CA GLY A 302 -1.29 3.55 4.83
C GLY A 302 -2.66 4.03 5.22
N TRP A 303 -2.91 4.05 6.51
CA TRP A 303 -4.16 4.57 7.01
C TRP A 303 -3.98 5.17 8.38
N THR A 304 -4.88 6.09 8.70
CA THR A 304 -4.85 6.77 9.98
C THR A 304 -5.99 6.25 10.82
N ALA A 305 -5.70 5.89 12.06
CA ALA A 305 -6.71 5.36 12.97
C ALA A 305 -7.67 6.45 13.43
N LEU A 306 -8.96 6.21 13.26
CA LEU A 306 -9.99 7.14 13.69
C LEU A 306 -10.59 6.66 15.00
N SER A 307 -10.15 5.49 15.42
CA SER A 307 -10.60 4.89 16.68
C SER A 307 -9.41 4.10 17.24
N ASP A 308 -9.43 3.82 18.53
CA ASP A 308 -8.37 3.01 19.10
C ASP A 308 -8.56 1.65 18.44
N MET A 309 -7.48 0.90 18.29
CA MET A 309 -7.55 -0.42 17.66
C MET A 309 -6.96 -1.41 18.65
N LEU A 310 -7.78 -2.36 19.10
CA LEU A 310 -7.37 -3.35 20.10
C LEU A 310 -6.81 -4.66 19.55
N PRO A 311 -5.75 -5.18 20.19
CA PRO A 311 -5.12 -6.44 19.78
C PRO A 311 -6.10 -7.58 19.56
N GLY A 312 -5.90 -8.33 18.48
CA GLY A 312 -6.73 -9.47 18.15
C GLY A 312 -8.12 -9.19 17.59
N GLN A 313 -8.47 -7.92 17.43
CA GLN A 313 -9.81 -7.60 16.93
C GLN A 313 -9.92 -7.42 15.42
N GLY A 314 -9.43 -8.41 14.68
CA GLY A 314 -9.48 -8.37 13.22
C GLY A 314 -8.62 -7.25 12.67
N LEU A 315 -7.34 -7.28 13.01
CA LEU A 315 -6.42 -6.23 12.61
C LEU A 315 -5.51 -6.52 11.43
N LEU A 316 -4.98 -5.43 10.88
CA LEU A 316 -4.04 -5.48 9.77
C LEU A 316 -2.78 -6.22 10.20
N HIS A 317 -2.29 -7.09 9.32
CA HIS A 317 -1.04 -7.83 9.55
C HIS A 317 -0.21 -7.62 8.30
N VAL A 318 1.11 -7.62 8.44
CA VAL A 318 1.99 -7.50 7.30
C VAL A 318 3.15 -8.46 7.49
N VAL A 319 3.85 -8.76 6.38
CA VAL A 319 5.04 -9.58 6.43
C VAL A 319 6.08 -8.45 6.40
N PRO A 320 6.64 -8.10 7.57
CA PRO A 320 7.63 -7.02 7.67
C PRO A 320 9.00 -7.33 7.11
N ILE A 321 9.01 -7.68 5.82
CA ILE A 321 10.22 -8.03 5.07
C ILE A 321 9.92 -7.53 3.67
N PRO A 322 10.31 -6.29 3.34
CA PRO A 322 10.04 -5.75 2.01
C PRO A 322 10.62 -6.54 0.85
N GLU A 323 11.70 -7.26 1.08
CA GLU A 323 12.33 -8.05 0.03
C GLU A 323 11.59 -9.37 -0.19
N ALA A 324 10.55 -9.64 0.60
CA ALA A 324 9.80 -10.88 0.46
C ALA A 324 9.21 -11.02 -0.94
N MET A 325 8.99 -9.90 -1.62
CA MET A 325 8.45 -9.94 -2.99
C MET A 325 9.35 -10.75 -3.92
N ALA A 326 10.66 -10.76 -3.65
CA ALA A 326 11.57 -11.53 -4.50
C ALA A 326 11.22 -13.01 -4.47
N TYR A 327 10.84 -13.49 -3.29
CA TYR A 327 10.45 -14.89 -3.11
C TYR A 327 9.16 -15.14 -3.89
N VAL A 328 8.23 -14.19 -3.81
CA VAL A 328 6.97 -14.30 -4.52
C VAL A 328 7.18 -14.36 -6.04
N LEU A 329 8.09 -13.53 -6.53
CA LEU A 329 8.36 -13.48 -7.96
C LEU A 329 9.02 -14.74 -8.52
N LEU A 330 9.89 -15.36 -7.74
CA LEU A 330 10.57 -16.56 -8.20
C LEU A 330 9.81 -17.86 -7.96
N ARG A 331 8.88 -17.85 -7.00
CA ARG A 331 8.13 -19.06 -6.66
C ARG A 331 7.47 -19.79 -7.84
N PRO A 332 6.83 -19.06 -8.77
CA PRO A 332 6.18 -19.71 -9.91
C PRO A 332 7.16 -20.34 -10.91
N LEU A 333 8.44 -20.06 -10.74
CA LEU A 333 9.45 -20.57 -11.65
C LEU A 333 10.04 -21.91 -11.20
N LEU A 334 9.62 -22.40 -10.04
CA LEU A 334 10.15 -23.67 -9.54
C LEU A 334 9.54 -24.85 -10.31
N ASP A 335 10.05 -26.05 -10.06
CA ASP A 335 9.61 -27.24 -10.80
C ASP A 335 8.29 -27.91 -10.42
N ASP A 336 7.57 -27.36 -9.44
CA ASP A 336 6.31 -27.95 -9.01
C ASP A 336 5.11 -27.06 -9.36
N VAL A 337 5.29 -26.20 -10.36
CA VAL A 337 4.24 -25.28 -10.77
C VAL A 337 3.70 -25.59 -12.16
N PRO A 338 2.37 -25.69 -12.30
CA PRO A 338 1.77 -25.99 -13.61
C PRO A 338 2.15 -24.91 -14.63
N GLU A 339 2.36 -25.32 -15.87
CA GLU A 339 2.74 -24.41 -16.95
C GLU A 339 2.02 -23.07 -17.01
N ASP A 340 0.69 -23.13 -17.02
CA ASP A 340 -0.13 -21.92 -17.13
C ASP A 340 -0.34 -21.11 -15.86
N GLU A 341 -0.03 -21.69 -14.70
CA GLU A 341 -0.24 -21.00 -13.43
C GLU A 341 0.86 -20.11 -12.86
N LEU A 342 0.43 -19.18 -12.01
CA LEU A 342 1.32 -18.26 -11.34
C LEU A 342 0.99 -18.23 -9.85
N CYS A 343 0.91 -19.43 -9.26
CA CYS A 343 0.64 -19.59 -7.83
C CYS A 343 -0.56 -18.79 -7.31
N GLY A 344 -1.68 -18.84 -8.02
CA GLY A 344 -2.87 -18.14 -7.58
C GLY A 344 -3.18 -16.83 -8.29
N VAL A 345 -2.17 -16.24 -8.93
CA VAL A 345 -2.36 -14.99 -9.63
C VAL A 345 -3.34 -15.15 -10.78
N ALA A 346 -4.20 -14.16 -10.95
CA ALA A 346 -5.19 -14.16 -12.02
C ALA A 346 -5.49 -12.72 -12.41
N PRO A 347 -5.75 -12.47 -13.70
CA PRO A 347 -6.06 -11.09 -14.09
C PRO A 347 -7.30 -10.61 -13.35
N GLY A 348 -7.30 -9.34 -12.96
CA GLY A 348 -8.45 -8.79 -12.26
C GLY A 348 -8.50 -9.07 -10.77
N ARG A 349 -7.44 -9.66 -10.22
CA ARG A 349 -7.40 -9.96 -8.80
C ARG A 349 -6.05 -9.61 -8.16
N VAL A 350 -6.07 -9.30 -6.88
CA VAL A 350 -4.83 -8.97 -6.19
C VAL A 350 -3.95 -10.21 -6.15
N LEU A 351 -2.64 -9.99 -6.01
CA LEU A 351 -1.68 -11.08 -5.95
C LEU A 351 -1.85 -11.76 -4.59
N PRO A 352 -2.21 -13.06 -4.59
CA PRO A 352 -2.38 -13.76 -3.32
C PRO A 352 -1.12 -14.43 -2.79
N VAL A 353 -0.97 -14.43 -1.47
CA VAL A 353 0.16 -15.07 -0.80
C VAL A 353 -0.51 -16.12 0.09
N SER A 354 -0.05 -17.35 0.00
CA SER A 354 -0.67 -18.45 0.74
C SER A 354 0.32 -19.41 1.37
N GLU A 355 -0.17 -20.27 2.25
CA GLU A 355 0.70 -21.26 2.87
C GLU A 355 1.07 -22.28 1.80
N GLN A 356 0.13 -22.54 0.89
CA GLN A 356 0.35 -23.51 -0.18
C GLN A 356 1.59 -23.18 -1.00
N TRP A 357 1.73 -21.91 -1.38
CA TRP A 357 2.86 -21.50 -2.20
C TRP A 357 3.97 -20.73 -1.51
N HIS A 358 3.65 -20.04 -0.43
CA HIS A 358 4.64 -19.23 0.27
C HIS A 358 4.65 -19.49 1.77
N PRO A 359 4.87 -20.74 2.18
CA PRO A 359 4.88 -21.06 3.61
C PRO A 359 5.84 -20.22 4.45
N LEU A 360 7.04 -19.96 3.93
CA LEU A 360 8.04 -19.18 4.64
C LEU A 360 7.56 -17.77 4.92
N LEU A 361 6.80 -17.20 3.99
CA LEU A 361 6.33 -15.83 4.15
C LEU A 361 5.13 -15.73 5.09
N ILE A 362 4.18 -16.65 4.96
CA ILE A 362 3.00 -16.63 5.82
C ILE A 362 3.38 -16.70 7.30
N GLU A 363 4.43 -17.44 7.61
CA GLU A 363 4.88 -17.57 9.00
C GLU A 363 5.29 -16.24 9.60
N ALA A 364 5.63 -15.28 8.75
CA ALA A 364 6.08 -13.97 9.23
C ALA A 364 4.97 -12.91 9.36
N LEU A 365 3.73 -13.27 9.06
CA LEU A 365 2.64 -12.29 9.20
C LEU A 365 2.64 -11.76 10.63
N THR A 366 2.59 -10.44 10.75
CA THR A 366 2.64 -9.79 12.06
C THR A 366 1.59 -8.70 12.21
N SER A 367 0.78 -8.81 13.26
CA SER A 367 -0.27 -7.84 13.53
C SER A 367 0.30 -6.49 13.95
N ILE A 368 -0.46 -5.43 13.66
CA ILE A 368 -0.07 -4.11 14.10
C ILE A 368 -0.24 -4.19 15.62
N PRO A 369 0.47 -3.34 16.37
CA PRO A 369 0.32 -3.38 17.82
C PRO A 369 -0.93 -2.58 18.17
N LYS A 370 -1.26 -2.47 19.45
CA LYS A 370 -2.43 -1.69 19.85
C LYS A 370 -2.22 -0.26 19.37
N LEU A 371 -3.29 0.35 18.87
CA LEU A 371 -3.21 1.72 18.38
C LEU A 371 -4.22 2.62 19.07
N GLU A 372 -3.91 3.90 19.13
CA GLU A 372 -4.82 4.89 19.69
C GLU A 372 -5.26 5.70 18.49
N ALA A 373 -6.48 6.23 18.53
CA ALA A 373 -6.95 7.06 17.43
C ALA A 373 -5.92 8.15 17.26
N GLY A 374 -5.58 8.46 16.01
CA GLY A 374 -4.58 9.48 15.77
C GLY A 374 -3.27 8.88 15.31
N ASP A 375 -3.06 7.59 15.60
CA ASP A 375 -1.83 6.92 15.14
C ASP A 375 -2.06 6.58 13.67
N SER A 376 -0.98 6.37 12.93
CA SER A 376 -1.10 5.97 11.54
C SER A 376 -0.13 4.81 11.30
N VAL A 377 -0.47 3.93 10.37
CA VAL A 377 0.38 2.79 10.06
C VAL A 377 0.68 2.81 8.57
N TRP A 378 1.89 2.37 8.24
CA TRP A 378 2.36 2.42 6.87
C TRP A 378 3.13 1.19 6.44
N TRP A 379 3.03 0.85 5.16
CA TRP A 379 3.79 -0.28 4.64
C TRP A 379 4.20 -0.08 3.19
N HIS A 380 5.42 -0.52 2.89
CA HIS A 380 6.01 -0.44 1.55
C HIS A 380 5.07 -1.06 0.52
N CYS A 381 5.04 -0.50 -0.68
CA CYS A 381 4.14 -0.98 -1.74
C CYS A 381 4.25 -2.46 -2.11
N ASP A 382 5.38 -3.08 -1.79
CA ASP A 382 5.56 -4.50 -2.11
C ASP A 382 5.25 -5.40 -0.92
N VAL A 383 4.96 -4.80 0.22
CA VAL A 383 4.71 -5.58 1.42
C VAL A 383 3.38 -6.33 1.43
N ILE A 384 3.48 -7.61 1.81
CA ILE A 384 2.35 -8.52 1.88
C ILE A 384 1.54 -8.15 3.13
N HIS A 385 0.23 -8.03 2.97
CA HIS A 385 -0.60 -7.68 4.12
C HIS A 385 -1.93 -8.42 4.09
N SER A 386 -2.54 -8.51 5.26
CA SER A 386 -3.81 -9.20 5.43
C SER A 386 -4.59 -8.54 6.56
N VAL A 387 -5.81 -9.02 6.77
CA VAL A 387 -6.64 -8.53 7.86
C VAL A 387 -7.19 -9.80 8.49
N ALA A 388 -6.85 -10.03 9.74
CA ALA A 388 -7.28 -11.23 10.44
C ALA A 388 -8.80 -11.24 10.66
N PRO A 389 -9.38 -12.44 10.73
CA PRO A 389 -10.82 -12.53 10.94
C PRO A 389 -11.15 -12.17 12.38
N VAL A 390 -12.40 -11.82 12.64
CA VAL A 390 -12.83 -11.48 13.98
C VAL A 390 -14.30 -11.81 14.11
N GLU A 391 -14.71 -12.18 15.32
CA GLU A 391 -16.09 -12.52 15.62
C GLU A 391 -16.48 -11.72 16.86
N ASN A 392 -17.52 -10.91 16.73
CA ASN A 392 -17.99 -10.07 17.84
C ASN A 392 -16.85 -9.16 18.32
N GLN A 393 -16.31 -8.41 17.37
CA GLN A 393 -15.22 -7.47 17.59
C GLN A 393 -15.41 -6.58 18.83
N GLN A 394 -14.34 -6.42 19.60
CA GLN A 394 -14.38 -5.57 20.78
C GLN A 394 -13.80 -4.22 20.35
N GLY A 395 -14.44 -3.14 20.80
CA GLY A 395 -13.98 -1.82 20.43
C GLY A 395 -14.33 -1.50 18.99
N TRP A 396 -13.86 -0.37 18.49
CA TRP A 396 -14.11 0.05 17.12
C TRP A 396 -12.92 -0.20 16.21
N GLY A 397 -13.17 -0.20 14.91
CA GLY A 397 -12.11 -0.40 13.94
C GLY A 397 -12.33 0.56 12.79
N ASN A 398 -12.12 1.85 13.06
CA ASN A 398 -12.34 2.89 12.07
C ASN A 398 -11.02 3.45 11.54
N VAL A 399 -10.86 3.44 10.23
CA VAL A 399 -9.64 3.93 9.61
C VAL A 399 -9.89 4.80 8.39
N MET A 400 -8.93 5.67 8.12
CA MET A 400 -8.98 6.60 7.00
C MET A 400 -7.79 6.27 6.12
N TYR A 401 -8.03 5.75 4.92
CA TYR A 401 -6.95 5.39 4.01
C TYR A 401 -6.31 6.62 3.36
N ILE A 402 -5.01 6.80 3.60
CA ILE A 402 -4.25 7.91 3.03
C ILE A 402 -2.85 7.36 2.77
N PRO A 403 -2.47 7.19 1.50
CA PRO A 403 -1.14 6.66 1.18
C PRO A 403 -0.11 7.74 0.91
N ALA A 404 1.09 7.30 0.58
CA ALA A 404 2.17 8.22 0.21
C ALA A 404 2.35 7.92 -1.28
N ALA A 405 2.08 8.91 -2.12
CA ALA A 405 2.21 8.76 -3.56
C ALA A 405 2.92 10.01 -4.07
N PRO A 406 4.26 9.97 -4.14
CA PRO A 406 5.08 11.10 -4.59
C PRO A 406 4.77 11.58 -6.01
N MET A 407 4.89 12.89 -6.22
CA MET A 407 4.60 13.43 -7.53
C MET A 407 5.59 12.96 -8.59
N CYS A 408 5.03 12.61 -9.74
CA CYS A 408 5.76 12.15 -10.89
C CYS A 408 4.77 12.28 -12.04
N GLU A 409 5.21 12.05 -13.26
CA GLU A 409 4.34 12.18 -14.42
C GLU A 409 3.03 11.41 -14.24
N LYS A 410 3.13 10.15 -13.82
CA LYS A 410 1.96 9.31 -13.63
C LYS A 410 0.98 9.86 -12.60
N ASN A 411 1.51 10.28 -11.45
CA ASN A 411 0.63 10.79 -10.40
C ASN A 411 0.06 12.17 -10.69
N LEU A 412 0.75 12.95 -11.52
CA LEU A 412 0.25 14.27 -11.89
C LEU A 412 -0.95 14.08 -12.81
N ALA A 413 -0.90 13.04 -13.64
CA ALA A 413 -2.00 12.76 -14.55
C ALA A 413 -3.26 12.45 -13.75
N TYR A 414 -3.11 11.67 -12.67
CA TYR A 414 -4.26 11.33 -11.84
C TYR A 414 -4.70 12.54 -11.04
N ALA A 415 -3.73 13.35 -10.60
CA ALA A 415 -4.04 14.55 -9.83
C ALA A 415 -5.03 15.44 -10.58
N HIS A 416 -4.84 15.58 -11.89
CA HIS A 416 -5.75 16.40 -12.68
C HIS A 416 -7.16 15.83 -12.64
N LYS A 417 -7.26 14.50 -12.69
CA LYS A 417 -8.55 13.85 -12.64
C LYS A 417 -9.17 14.01 -11.25
N VAL A 418 -8.33 13.95 -10.23
CA VAL A 418 -8.80 14.10 -8.86
C VAL A 418 -9.39 15.48 -8.65
N LYS A 419 -8.71 16.48 -9.18
CA LYS A 419 -9.16 17.86 -9.05
C LYS A 419 -10.54 18.02 -9.66
N ALA A 420 -10.75 17.41 -10.83
CA ALA A 420 -12.03 17.50 -11.50
C ALA A 420 -13.14 16.83 -10.69
N ALA A 421 -12.82 15.67 -10.11
CA ALA A 421 -13.81 14.95 -9.29
C ALA A 421 -14.13 15.78 -8.07
N LEU A 422 -13.11 16.36 -7.45
CA LEU A 422 -13.31 17.19 -6.27
C LEU A 422 -14.25 18.35 -6.59
N GLU A 423 -14.02 19.02 -7.71
CA GLU A 423 -14.87 20.15 -8.10
C GLU A 423 -16.34 19.76 -8.18
N LYS A 424 -16.61 18.56 -8.67
CA LYS A 424 -17.99 18.09 -8.82
C LYS A 424 -18.52 17.34 -7.61
N GLY A 425 -17.62 16.81 -6.79
CA GLY A 425 -18.03 16.05 -5.62
C GLY A 425 -18.34 14.62 -6.04
N ALA A 426 -17.84 14.25 -7.21
CA ALA A 426 -18.05 12.91 -7.76
C ALA A 426 -17.07 11.89 -7.21
N SER A 427 -17.41 10.61 -7.37
CA SER A 427 -16.53 9.54 -6.90
C SER A 427 -15.26 9.56 -7.74
N PRO A 428 -14.10 9.36 -7.10
CA PRO A 428 -12.81 9.35 -7.81
C PRO A 428 -12.75 8.24 -8.85
N GLY A 429 -11.90 8.41 -9.86
CA GLY A 429 -11.76 7.44 -10.93
C GLY A 429 -11.54 5.97 -10.61
N ASP A 430 -10.74 5.67 -9.59
CA ASP A 430 -10.46 4.29 -9.22
C ASP A 430 -11.55 3.64 -8.37
N PHE A 431 -12.65 4.36 -8.16
CA PHE A 431 -13.74 3.84 -7.34
C PHE A 431 -15.05 3.79 -8.12
N PRO A 432 -16.02 3.00 -7.63
CA PRO A 432 -17.32 2.88 -8.30
C PRO A 432 -17.96 4.24 -8.49
N ARG A 433 -18.70 4.40 -9.58
CA ARG A 433 -19.38 5.66 -9.87
C ARG A 433 -20.69 5.76 -9.08
N GLU A 434 -20.60 6.30 -7.86
CA GLU A 434 -21.76 6.46 -7.00
C GLU A 434 -22.14 7.94 -6.88
N ASP A 435 -21.13 8.81 -6.91
CA ASP A 435 -21.30 10.26 -6.82
C ASP A 435 -22.32 10.78 -5.82
N TYR A 436 -22.37 10.17 -4.64
CA TYR A 436 -23.31 10.61 -3.61
C TYR A 436 -23.22 12.06 -3.18
N GLU A 437 -22.00 12.58 -3.08
CA GLU A 437 -21.77 13.95 -2.62
C GLU A 437 -21.95 15.11 -3.60
N THR A 438 -22.25 14.80 -4.86
CA THR A 438 -22.39 15.86 -5.85
C THR A 438 -23.36 16.99 -5.46
N ASN A 439 -24.39 16.67 -4.69
CA ASN A 439 -25.36 17.69 -4.27
C ASN A 439 -25.38 17.86 -2.75
N TRP A 440 -24.32 17.42 -2.08
CA TRP A 440 -24.23 17.54 -0.64
C TRP A 440 -23.70 18.88 -0.17
N GLU A 441 -24.15 19.32 1.01
CA GLU A 441 -23.68 20.58 1.56
C GLU A 441 -22.64 20.27 2.63
N GLY A 442 -21.75 21.22 2.88
CA GLY A 442 -20.70 21.03 3.87
C GLY A 442 -19.50 20.32 3.28
N ARG A 443 -19.56 20.05 1.98
CA ARG A 443 -18.48 19.38 1.27
C ARG A 443 -17.24 20.25 1.18
N PHE A 444 -16.06 19.61 1.15
CA PHE A 444 -14.79 20.31 1.00
C PHE A 444 -14.74 20.66 -0.48
N THR A 445 -14.42 21.91 -0.82
CA THR A 445 -14.36 22.35 -2.21
C THR A 445 -12.99 22.91 -2.57
N LEU A 446 -12.82 23.30 -3.82
CA LEU A 446 -11.55 23.87 -4.25
C LEU A 446 -11.20 25.08 -3.39
N ALA A 447 -12.21 25.82 -2.97
CA ALA A 447 -12.01 27.02 -2.16
C ALA A 447 -11.40 26.71 -0.79
N ASP A 448 -11.48 25.46 -0.36
CA ASP A 448 -10.94 25.04 0.93
C ASP A 448 -9.49 24.57 0.86
N LEU A 449 -8.95 24.44 -0.34
CA LEU A 449 -7.58 23.97 -0.51
C LEU A 449 -6.53 24.94 0.00
N ASN A 450 -5.54 24.41 0.72
CA ASN A 450 -4.45 25.23 1.20
C ASN A 450 -3.32 25.01 0.19
N ILE A 451 -2.19 25.67 0.40
CA ILE A 451 -1.07 25.54 -0.54
C ILE A 451 -0.61 24.10 -0.76
N HIS A 452 -0.58 23.29 0.30
CA HIS A 452 -0.16 21.90 0.17
C HIS A 452 -1.15 21.13 -0.70
N GLY A 453 -2.43 21.38 -0.48
CA GLY A 453 -3.46 20.70 -1.25
C GLY A 453 -3.40 21.05 -2.72
N LYS A 454 -3.11 22.31 -3.02
CA LYS A 454 -3.02 22.74 -4.41
C LYS A 454 -1.86 22.05 -5.12
N ARG A 455 -0.72 21.97 -4.45
CA ARG A 455 0.44 21.31 -5.05
C ARG A 455 0.12 19.84 -5.25
N ALA A 456 -0.58 19.25 -4.28
CA ALA A 456 -0.95 17.84 -4.32
C ALA A 456 -1.95 17.55 -5.43
N LEU A 457 -2.51 18.60 -6.03
CA LEU A 457 -3.46 18.43 -7.12
C LEU A 457 -2.88 18.95 -8.43
N GLY A 458 -1.57 19.21 -8.43
CA GLY A 458 -0.90 19.69 -9.62
C GLY A 458 -1.39 21.05 -10.10
N MET A 459 -1.92 21.84 -9.18
CA MET A 459 -2.44 23.17 -9.51
C MET A 459 -1.33 24.22 -9.48
N ASP A 460 -1.55 25.32 -10.19
CA ASP A 460 -0.58 26.40 -10.23
C ASP A 460 -0.64 27.26 -8.98
S SO4 B . 13.80 -18.63 -26.56
O1 SO4 B . 12.66 -19.08 -27.48
O2 SO4 B . 14.77 -17.79 -27.40
O3 SO4 B . 13.23 -17.77 -25.59
O4 SO4 B . 14.51 -19.82 -26.26
S SO4 C . -12.27 4.28 21.13
O1 SO4 C . -13.63 4.29 20.43
O2 SO4 C . -12.38 5.23 22.31
O3 SO4 C . -12.08 2.97 21.66
O4 SO4 C . -11.37 4.91 20.22
S SO4 D . -7.54 -2.52 0.67
O1 SO4 D . -7.80 -1.41 1.68
O2 SO4 D . -6.03 -2.63 0.49
O3 SO4 D . -7.97 -3.73 1.27
O4 SO4 D . -8.04 -2.02 -0.57
#